data_6L8J
#
_entry.id   6L8J
#
_cell.length_a   58.182
_cell.length_b   82.147
_cell.length_c   110.549
_cell.angle_alpha   90.000
_cell.angle_beta   90.000
_cell.angle_gamma   90.000
#
_symmetry.space_group_name_H-M   'P 21 21 21'
#
loop_
_entity.id
_entity.type
_entity.pdbx_description
1 polymer 'Protein LUTEIN DEFICIENT 5, chloroplastic'
2 non-polymer 'PROTOPORPHYRIN IX CONTAINING FE'
3 non-polymer RETINAL
4 water water
#
_entity_poly.entity_id   1
_entity_poly.type   'polypeptide(L)'
_entity_poly.pdbx_seq_one_letter_code
;GSFPSTVKNGLSKIGIPSNVLDFMFDWTGSDQDYPKVPEAKGSIQAVRNEAFFIPLYELFLTYGGIFRLTFGPKSFLIVS
DPSIAKHILKDNAKAYSKGILAEILDFVMGKGLIPADGEIWRRRRRAIVPALHQKYVAAMISLFGEASDRLCQKLDAAAL
KGEEVEMESLFSRLTLDIIGKAVFNYDFDSLTNDTGVIEAVYTVLREAEDRSVDPIPVWDIPILKDIVPRQRKVATSLKL
INDTLDDLIATCKRMVEEEELQFHEEYMNERDPSILHFLLASGDDVSSKQLRDDLMTMLIAGHETSAAVLTWTFYLLTTE
PSVVAKLQEEVDSVIGDRFPTIQDMKKLKYTTRVMNESLRLYPQPPVLIRRSIDNDILGEYPIKRGEDIFISVWNLHRSP
LHWDDAEKFNPERWPLDGPNPNETNQNFSYLPFGGGPRKCIGDMFASFENVVAIAMLIRRFNFQIAPGAPPVKMTTGATI
HTTEGLKLTVTKRTKPLDIPSVPILPMDTSRDEVSSALS
;
_entity_poly.pdbx_strand_id   A
#
loop_
_chem_comp.id
_chem_comp.type
_chem_comp.name
_chem_comp.formula
HEM non-polymer 'PROTOPORPHYRIN IX CONTAINING FE' 'C34 H32 Fe N4 O4'
RET non-polymer RETINAL 'C20 H28 O'
#
# COMPACT_ATOMS: atom_id res chain seq x y z
N PHE A 52 16.50 -7.37 -7.60
CA PHE A 52 16.80 -6.65 -8.85
C PHE A 52 17.33 -5.26 -8.58
N PHE A 53 16.59 -4.53 -7.74
CA PHE A 53 16.91 -3.15 -7.43
C PHE A 53 18.07 -2.99 -6.46
N ILE A 54 18.45 -4.05 -5.73
CA ILE A 54 19.59 -3.94 -4.82
C ILE A 54 20.87 -3.65 -5.57
N PRO A 55 21.25 -4.40 -6.62
CA PRO A 55 22.44 -4.02 -7.38
C PRO A 55 22.32 -2.67 -8.04
N LEU A 56 21.10 -2.23 -8.36
CA LEU A 56 20.92 -0.93 -8.98
C LEU A 56 21.33 0.22 -8.06
N TYR A 57 21.39 -0.02 -6.75
CA TYR A 57 21.82 1.03 -5.83
C TYR A 57 23.29 1.38 -6.03
N GLU A 58 24.17 0.36 -5.99
CA GLU A 58 25.60 0.62 -6.19
C GLU A 58 25.89 1.15 -7.60
N LEU A 59 25.18 0.63 -8.61
CA LEU A 59 25.37 1.13 -9.96
C LEU A 59 24.96 2.60 -10.06
N PHE A 60 23.90 2.99 -9.33
CA PHE A 60 23.50 4.40 -9.28
C PHE A 60 24.58 5.24 -8.61
N LEU A 61 25.25 4.70 -7.58
CA LEU A 61 26.36 5.41 -6.96
C LEU A 61 27.52 5.60 -7.92
N THR A 62 27.80 4.59 -8.76
CA THR A 62 28.93 4.70 -9.68
C THR A 62 28.58 5.53 -10.92
N TYR A 63 27.47 5.22 -11.58
CA TYR A 63 27.21 5.74 -12.91
C TYR A 63 26.14 6.84 -12.95
N GLY A 64 25.50 7.14 -11.84
CA GLY A 64 24.74 8.38 -11.72
C GLY A 64 23.24 8.23 -11.83
N GLY A 65 22.59 9.39 -12.06
CA GLY A 65 21.15 9.50 -11.97
C GLY A 65 20.39 8.82 -13.08
N ILE A 66 21.01 8.62 -14.25
CA ILE A 66 20.36 7.89 -15.34
C ILE A 66 21.41 7.10 -16.08
N PHE A 67 21.17 5.80 -16.23
CA PHE A 67 22.08 4.93 -16.97
C PHE A 67 21.28 3.82 -17.63
N ARG A 68 21.87 3.21 -18.65
CA ARG A 68 21.22 2.18 -19.44
C ARG A 68 21.71 0.82 -18.98
N LEU A 69 20.81 0.03 -18.40
CA LEU A 69 21.10 -1.34 -18.03
C LEU A 69 20.80 -2.23 -19.22
N THR A 70 21.85 -2.71 -19.89
CA THR A 70 21.68 -3.60 -21.04
C THR A 70 21.86 -5.05 -20.61
N PHE A 71 21.01 -5.91 -21.17
CA PHE A 71 21.06 -7.36 -20.94
C PHE A 71 20.76 -8.03 -22.29
N GLY A 72 21.83 -8.31 -23.04
CA GLY A 72 21.70 -8.81 -24.38
C GLY A 72 21.39 -7.70 -25.36
N PRO A 73 20.35 -7.87 -26.17
CA PRO A 73 19.88 -6.79 -27.05
C PRO A 73 18.80 -5.89 -26.46
N LYS A 74 18.32 -6.18 -25.25
CA LYS A 74 17.33 -5.37 -24.57
C LYS A 74 17.98 -4.50 -23.51
N SER A 75 17.27 -3.46 -23.08
CA SER A 75 17.83 -2.55 -22.09
C SER A 75 16.71 -1.83 -21.36
N PHE A 76 17.02 -1.38 -20.14
CA PHE A 76 16.19 -0.50 -19.33
C PHE A 76 16.93 0.81 -19.08
N LEU A 77 16.19 1.91 -19.04
CA LEU A 77 16.72 3.16 -18.51
C LEU A 77 16.41 3.20 -17.02
N ILE A 78 17.43 3.38 -16.20
CA ILE A 78 17.32 3.37 -14.75
C ILE A 78 17.45 4.79 -14.24
N VAL A 79 16.38 5.34 -13.68
CA VAL A 79 16.32 6.72 -13.23
C VAL A 79 16.34 6.75 -11.71
N SER A 80 17.35 7.43 -11.16
CA SER A 80 17.51 7.61 -9.72
C SER A 80 17.65 9.07 -9.35
N ASP A 81 17.36 9.98 -10.28
CA ASP A 81 17.53 11.41 -10.05
C ASP A 81 16.16 12.02 -9.77
N PRO A 82 15.97 12.69 -8.63
CA PRO A 82 14.64 13.25 -8.34
C PRO A 82 14.17 14.26 -9.38
N SER A 83 15.08 15.04 -9.95
CA SER A 83 14.69 15.98 -10.98
C SER A 83 14.18 15.26 -12.22
N ILE A 84 14.89 14.20 -12.64
CA ILE A 84 14.47 13.42 -13.80
C ILE A 84 13.18 12.68 -13.50
N ALA A 85 13.06 12.13 -12.28
CA ALA A 85 11.82 11.49 -11.87
C ALA A 85 10.65 12.46 -11.96
N LYS A 86 10.83 13.69 -11.45
CA LYS A 86 9.74 14.66 -11.52
C LYS A 86 9.37 15.00 -12.95
N HIS A 87 10.36 15.00 -13.85
CA HIS A 87 10.07 15.28 -15.26
C HIS A 87 9.23 14.16 -15.87
N ILE A 88 9.54 12.91 -15.53
CA ILE A 88 8.80 11.78 -16.09
C ILE A 88 7.44 11.66 -15.44
N LEU A 89 7.38 11.79 -14.11
CA LEU A 89 6.15 11.53 -13.40
C LEU A 89 5.17 12.70 -13.45
N LYS A 90 5.66 13.93 -13.52
CA LYS A 90 4.77 15.08 -13.36
C LYS A 90 4.84 16.10 -14.49
N ASP A 91 6.04 16.64 -14.77
CA ASP A 91 6.14 17.75 -15.71
C ASP A 91 5.76 17.32 -17.13
N ASN A 92 6.27 16.18 -17.58
CA ASN A 92 6.11 15.72 -18.95
C ASN A 92 5.45 14.36 -18.99
N ALA A 93 4.50 14.13 -18.08
CA ALA A 93 3.89 12.81 -17.96
C ALA A 93 3.15 12.38 -19.22
N LYS A 94 2.73 13.33 -20.06
CA LYS A 94 2.02 12.99 -21.28
C LYS A 94 2.92 12.24 -22.27
N ALA A 95 4.23 12.34 -22.10
CA ALA A 95 5.18 11.68 -22.98
C ALA A 95 5.40 10.21 -22.62
N TYR A 96 4.69 9.68 -21.63
CA TYR A 96 4.98 8.35 -21.11
C TYR A 96 3.71 7.53 -20.95
N SER A 97 3.87 6.23 -21.05
CA SER A 97 2.83 5.24 -20.77
C SER A 97 3.30 4.35 -19.64
N LYS A 98 2.39 3.49 -19.16
CA LYS A 98 2.77 2.55 -18.11
C LYS A 98 3.68 1.43 -18.62
N GLY A 99 3.83 1.27 -19.93
CA GLY A 99 4.83 0.37 -20.47
C GLY A 99 4.68 -1.06 -19.98
N ILE A 100 5.80 -1.62 -19.51
CA ILE A 100 5.86 -3.01 -19.03
C ILE A 100 4.82 -3.27 -17.96
N LEU A 101 4.53 -2.26 -17.12
CA LEU A 101 3.57 -2.42 -16.03
C LEU A 101 2.27 -3.05 -16.50
N ALA A 102 1.77 -2.62 -17.67
CA ALA A 102 0.52 -3.17 -18.19
C ALA A 102 0.68 -4.64 -18.57
N GLU A 103 1.77 -4.99 -19.24
CA GLU A 103 2.02 -6.39 -19.59
C GLU A 103 2.04 -7.27 -18.35
N ILE A 104 2.47 -6.72 -17.21
CA ILE A 104 2.54 -7.50 -15.98
C ILE A 104 1.14 -7.71 -15.41
N LEU A 105 0.39 -6.63 -15.23
CA LEU A 105 -0.84 -6.66 -14.44
C LEU A 105 -2.11 -6.86 -15.26
N ASP A 106 -2.01 -6.93 -16.59
CA ASP A 106 -3.20 -6.93 -17.42
C ASP A 106 -4.08 -8.14 -17.18
N PHE A 107 -3.47 -9.28 -16.85
CA PHE A 107 -4.26 -10.52 -16.73
C PHE A 107 -5.29 -10.43 -15.61
N VAL A 108 -5.02 -9.64 -14.58
CA VAL A 108 -5.92 -9.53 -13.43
C VAL A 108 -6.59 -8.17 -13.35
N MET A 109 -5.87 -7.10 -13.68
CA MET A 109 -6.42 -5.76 -13.51
C MET A 109 -7.20 -5.27 -14.73
N GLY A 110 -7.03 -5.90 -15.89
CA GLY A 110 -7.73 -5.52 -17.10
C GLY A 110 -7.63 -4.03 -17.37
N LYS A 111 -8.78 -3.36 -17.45
CA LYS A 111 -8.83 -1.92 -17.69
C LYS A 111 -8.90 -1.11 -16.39
N GLY A 112 -8.26 -1.59 -15.32
CA GLY A 112 -8.17 -0.82 -14.10
C GLY A 112 -7.21 0.35 -14.25
N LEU A 113 -7.20 1.19 -13.21
CA LEU A 113 -6.48 2.47 -13.29
C LEU A 113 -4.98 2.27 -13.47
N ILE A 114 -4.38 1.41 -12.65
CA ILE A 114 -2.92 1.29 -12.59
C ILE A 114 -2.31 1.02 -13.97
N PRO A 115 -2.74 -0.01 -14.71
CA PRO A 115 -2.12 -0.28 -16.02
C PRO A 115 -2.72 0.49 -17.19
N ALA A 116 -3.67 1.38 -16.95
CA ALA A 116 -4.36 2.04 -18.05
C ALA A 116 -3.63 3.33 -18.46
N ASP A 117 -3.95 3.80 -19.67
CA ASP A 117 -3.44 5.05 -20.21
C ASP A 117 -4.49 5.66 -21.13
N GLY A 118 -4.32 6.94 -21.45
CA GLY A 118 -5.19 7.57 -22.42
C GLY A 118 -6.54 7.99 -21.84
N GLU A 119 -7.54 8.06 -22.71
CA GLU A 119 -8.85 8.55 -22.28
C GLU A 119 -9.54 7.58 -21.35
N ILE A 120 -9.39 6.27 -21.59
CA ILE A 120 -9.96 5.28 -20.69
C ILE A 120 -9.45 5.48 -19.27
N TRP A 121 -8.17 5.78 -19.12
CA TRP A 121 -7.64 6.11 -17.81
C TRP A 121 -8.27 7.41 -17.29
N ARG A 122 -8.34 8.42 -18.15
CA ARG A 122 -8.80 9.74 -17.71
C ARG A 122 -10.26 9.68 -17.28
N ARG A 123 -11.08 8.91 -18.00
CA ARG A 123 -12.50 8.83 -17.66
C ARG A 123 -12.70 8.06 -16.35
N ARG A 124 -11.95 6.97 -16.15
CA ARG A 124 -12.14 6.17 -14.95
C ARG A 124 -11.55 6.85 -13.73
N ARG A 125 -10.42 7.54 -13.89
CA ARG A 125 -9.87 8.31 -12.78
C ARG A 125 -10.87 9.35 -12.31
N ARG A 126 -11.51 10.05 -13.24
CA ARG A 126 -12.45 11.11 -12.88
C ARG A 126 -13.67 10.54 -12.17
N ALA A 127 -14.06 9.30 -12.46
CA ALA A 127 -15.23 8.71 -11.86
C ALA A 127 -14.97 8.18 -10.45
N ILE A 128 -13.78 7.65 -10.19
CA ILE A 128 -13.52 6.86 -8.97
C ILE A 128 -13.03 7.74 -7.83
N VAL A 129 -12.20 8.75 -8.12
CA VAL A 129 -11.64 9.65 -7.11
C VAL A 129 -12.71 10.29 -6.22
N PRO A 130 -13.89 10.68 -6.73
CA PRO A 130 -14.90 11.24 -5.83
C PRO A 130 -15.36 10.28 -4.74
N ALA A 131 -15.25 8.96 -4.96
CA ALA A 131 -15.68 8.01 -3.95
C ALA A 131 -14.86 8.11 -2.67
N LEU A 132 -13.63 8.62 -2.75
CA LEU A 132 -12.76 8.69 -1.58
C LEU A 132 -12.77 10.10 -0.98
N HIS A 133 -13.97 10.58 -0.67
CA HIS A 133 -14.10 11.88 -0.04
C HIS A 133 -13.84 11.80 1.45
N GLN A 134 -13.75 12.97 2.08
CA GLN A 134 -13.34 13.05 3.49
C GLN A 134 -14.27 12.24 4.38
N LYS A 135 -15.58 12.35 4.18
CA LYS A 135 -16.51 11.59 5.01
C LYS A 135 -16.31 10.09 4.86
N TYR A 136 -16.05 9.63 3.63
CA TYR A 136 -15.82 8.21 3.40
C TYR A 136 -14.54 7.74 4.08
N VAL A 137 -13.46 8.53 3.95
CA VAL A 137 -12.22 8.19 4.64
C VAL A 137 -12.44 8.20 6.15
N ALA A 138 -13.20 9.16 6.65
CA ALA A 138 -13.50 9.19 8.08
C ALA A 138 -14.24 7.93 8.52
N ALA A 139 -15.19 7.47 7.71
CA ALA A 139 -15.92 6.24 8.03
C ALA A 139 -15.02 5.02 7.98
N MET A 140 -14.09 4.99 7.01
CA MET A 140 -13.19 3.84 6.88
C MET A 140 -12.29 3.69 8.09
N ILE A 141 -12.04 4.76 8.84
CA ILE A 141 -11.17 4.67 10.00
C ILE A 141 -11.77 3.76 11.06
N SER A 142 -13.10 3.79 11.21
CA SER A 142 -13.77 2.82 12.08
C SER A 142 -13.49 1.39 11.63
N LEU A 143 -13.54 1.14 10.31
CA LEU A 143 -13.22 -0.18 9.79
C LEU A 143 -11.78 -0.56 10.12
N PHE A 144 -10.85 0.39 9.99
CA PHE A 144 -9.46 0.11 10.33
C PHE A 144 -9.34 -0.30 11.79
N GLY A 145 -10.09 0.36 12.67
CA GLY A 145 -10.00 0.05 14.09
C GLY A 145 -10.63 -1.28 14.44
N GLU A 146 -11.75 -1.60 13.81
CA GLU A 146 -12.39 -2.90 14.04
C GLU A 146 -11.47 -4.03 13.59
N ALA A 147 -11.03 -3.98 12.33
CA ALA A 147 -10.21 -5.06 11.81
C ALA A 147 -8.91 -5.20 12.57
N SER A 148 -8.26 -4.08 12.90
CA SER A 148 -7.05 -4.13 13.72
C SER A 148 -7.34 -4.78 15.06
N ASP A 149 -8.51 -4.50 15.63
CA ASP A 149 -8.86 -5.08 16.92
C ASP A 149 -9.03 -6.59 16.81
N ARG A 150 -9.59 -7.08 15.70
CA ARG A 150 -9.64 -8.52 15.48
C ARG A 150 -8.23 -9.12 15.43
N LEU A 151 -7.27 -8.37 14.87
CA LEU A 151 -5.89 -8.85 14.89
C LEU A 151 -5.32 -8.84 16.30
N CYS A 152 -5.57 -7.76 17.05
CA CYS A 152 -5.10 -7.69 18.43
C CYS A 152 -5.62 -8.87 19.24
N GLN A 153 -6.85 -9.30 18.98
CA GLN A 153 -7.39 -10.44 19.72
C GLN A 153 -6.59 -11.70 19.42
N LYS A 154 -6.14 -11.88 18.18
CA LYS A 154 -5.31 -13.04 17.85
C LYS A 154 -3.97 -12.94 18.55
N LEU A 155 -3.34 -11.76 18.52
CA LEU A 155 -2.06 -11.59 19.19
C LEU A 155 -2.20 -11.77 20.69
N ASP A 156 -3.31 -11.31 21.26
CA ASP A 156 -3.55 -11.50 22.70
C ASP A 156 -3.62 -12.98 23.05
N ALA A 157 -4.31 -13.78 22.23
CA ALA A 157 -4.38 -15.21 22.47
C ALA A 157 -3.00 -15.84 22.44
N ALA A 158 -2.19 -15.48 21.44
CA ALA A 158 -0.85 -16.05 21.33
C ALA A 158 0.05 -15.56 22.45
N ALA A 159 -0.06 -14.28 22.82
CA ALA A 159 0.74 -13.75 23.91
C ALA A 159 0.50 -14.52 25.19
N LEU A 160 -0.76 -14.84 25.50
CA LEU A 160 -1.07 -15.55 26.74
C LEU A 160 -0.44 -16.93 26.78
N LYS A 161 -0.33 -17.60 25.63
CA LYS A 161 0.27 -18.92 25.56
C LYS A 161 1.77 -18.89 25.33
N GLY A 162 2.39 -17.71 25.36
CA GLY A 162 3.81 -17.61 25.09
C GLY A 162 4.18 -17.99 23.68
N GLU A 163 3.22 -18.01 22.76
CA GLU A 163 3.47 -18.40 21.39
C GLU A 163 4.11 -17.26 20.61
N GLU A 164 4.98 -17.63 19.67
CA GLU A 164 5.51 -16.68 18.71
C GLU A 164 4.53 -16.51 17.56
N VAL A 165 4.68 -15.41 16.84
CA VAL A 165 3.74 -15.04 15.78
C VAL A 165 4.53 -14.61 14.55
N GLU A 166 4.09 -15.08 13.39
CA GLU A 166 4.67 -14.66 12.11
C GLU A 166 3.82 -13.49 11.62
N MET A 167 4.36 -12.28 11.75
CA MET A 167 3.55 -11.08 11.57
C MET A 167 3.19 -10.82 10.10
N GLU A 168 4.07 -11.19 9.16
CA GLU A 168 3.82 -10.86 7.75
C GLU A 168 2.53 -11.50 7.26
N SER A 169 2.31 -12.78 7.59
CA SER A 169 1.10 -13.44 7.14
CA SER A 169 1.09 -13.45 7.14
C SER A 169 -0.14 -12.82 7.78
N LEU A 170 -0.05 -12.45 9.06
CA LEU A 170 -1.18 -11.82 9.74
C LEU A 170 -1.48 -10.45 9.15
N PHE A 171 -0.44 -9.64 8.93
CA PHE A 171 -0.65 -8.33 8.31
C PHE A 171 -1.29 -8.49 6.93
N SER A 172 -0.93 -9.55 6.21
CA SER A 172 -1.59 -9.80 4.92
C SER A 172 -3.07 -10.12 5.13
N ARG A 173 -3.39 -10.95 6.12
CA ARG A 173 -4.79 -11.23 6.41
C ARG A 173 -5.54 -9.98 6.84
N LEU A 174 -4.93 -9.17 7.71
CA LEU A 174 -5.56 -7.95 8.18
C LEU A 174 -5.86 -7.00 7.03
N THR A 175 -4.87 -6.72 6.18
CA THR A 175 -5.08 -5.73 5.12
C THR A 175 -6.01 -6.25 4.04
N LEU A 176 -6.08 -7.57 3.85
CA LEU A 176 -7.07 -8.12 2.94
C LEU A 176 -8.48 -7.94 3.49
N ASP A 177 -8.67 -8.21 4.79
CA ASP A 177 -9.99 -8.02 5.39
C ASP A 177 -10.44 -6.57 5.29
N ILE A 178 -9.51 -5.63 5.48
CA ILE A 178 -9.88 -4.22 5.41
C ILE A 178 -10.27 -3.83 3.99
N ILE A 179 -9.44 -4.17 3.01
CA ILE A 179 -9.66 -3.66 1.66
C ILE A 179 -10.92 -4.28 1.06
N GLY A 180 -11.25 -5.53 1.41
CA GLY A 180 -12.43 -6.15 0.85
C GLY A 180 -13.71 -5.47 1.28
N LYS A 181 -13.78 -5.06 2.57
CA LYS A 181 -14.95 -4.36 3.06
C LYS A 181 -15.01 -2.94 2.53
N ALA A 182 -13.85 -2.28 2.43
CA ALA A 182 -13.83 -0.86 2.06
C ALA A 182 -14.16 -0.65 0.59
N VAL A 183 -13.81 -1.58 -0.29
CA VAL A 183 -13.96 -1.36 -1.72
C VAL A 183 -15.30 -1.87 -2.23
N PHE A 184 -15.65 -3.13 -1.95
CA PHE A 184 -16.89 -3.69 -2.49
C PHE A 184 -17.73 -4.42 -1.42
N ASN A 185 -17.57 -4.06 -0.15
CA ASN A 185 -18.49 -4.49 0.91
C ASN A 185 -18.49 -6.01 1.08
N TYR A 186 -17.31 -6.61 1.02
CA TYR A 186 -17.16 -8.05 1.23
C TYR A 186 -16.35 -8.29 2.50
N ASP A 187 -16.75 -9.29 3.26
CA ASP A 187 -16.11 -9.66 4.52
C ASP A 187 -15.33 -10.95 4.28
N PHE A 188 -14.07 -10.80 3.87
CA PHE A 188 -13.21 -11.96 3.66
C PHE A 188 -13.07 -12.78 4.94
N ASP A 189 -12.94 -12.09 6.09
CA ASP A 189 -12.61 -12.70 7.37
C ASP A 189 -11.43 -13.65 7.24
N SER A 190 -10.41 -13.22 6.49
CA SER A 190 -9.20 -14.01 6.36
C SER A 190 -8.39 -14.06 7.64
N LEU A 191 -8.68 -13.17 8.60
CA LEU A 191 -8.01 -13.23 9.90
C LEU A 191 -8.39 -14.48 10.67
N THR A 192 -9.60 -14.99 10.47
CA THR A 192 -10.12 -16.12 11.22
C THR A 192 -10.15 -17.41 10.42
N ASN A 193 -10.67 -17.37 9.20
CA ASN A 193 -10.93 -18.56 8.42
C ASN A 193 -10.21 -18.50 7.08
N ASP A 194 -10.18 -19.65 6.41
CA ASP A 194 -9.75 -19.76 5.03
C ASP A 194 -10.94 -20.18 4.19
N THR A 195 -11.07 -19.59 3.01
CA THR A 195 -12.12 -19.94 2.07
C THR A 195 -11.50 -20.11 0.69
N GLY A 196 -12.28 -20.72 -0.21
CA GLY A 196 -11.86 -20.79 -1.60
C GLY A 196 -11.64 -19.40 -2.18
N VAL A 197 -12.47 -18.44 -1.78
CA VAL A 197 -12.30 -17.06 -2.24
C VAL A 197 -10.95 -16.52 -1.79
N ILE A 198 -10.61 -16.72 -0.52
CA ILE A 198 -9.32 -16.24 -0.01
C ILE A 198 -8.17 -16.93 -0.74
N GLU A 199 -8.22 -18.25 -0.82
CA GLU A 199 -7.16 -18.97 -1.54
C GLU A 199 -7.09 -18.55 -2.99
N ALA A 200 -8.23 -18.20 -3.59
CA ALA A 200 -8.23 -17.73 -4.98
C ALA A 200 -7.49 -16.42 -5.12
N VAL A 201 -7.64 -15.52 -4.14
CA VAL A 201 -6.93 -14.24 -4.21
C VAL A 201 -5.42 -14.47 -4.16
N TYR A 202 -4.96 -15.33 -3.23
CA TYR A 202 -3.53 -15.49 -3.05
C TYR A 202 -2.90 -16.21 -4.25
N THR A 203 -3.61 -17.16 -4.85
CA THR A 203 -3.17 -17.76 -6.11
C THR A 203 -2.93 -16.68 -7.15
N VAL A 204 -3.88 -15.75 -7.29
CA VAL A 204 -3.73 -14.66 -8.24
C VAL A 204 -2.54 -13.78 -7.89
N LEU A 205 -2.35 -13.50 -6.60
CA LEU A 205 -1.22 -12.66 -6.19
C LEU A 205 0.11 -13.36 -6.46
N ARG A 206 0.16 -14.68 -6.27
CA ARG A 206 1.38 -15.42 -6.60
C ARG A 206 1.69 -15.31 -8.09
N GLU A 207 0.66 -15.45 -8.95
CA GLU A 207 0.87 -15.33 -10.38
C GLU A 207 1.31 -13.93 -10.76
N ALA A 208 0.74 -12.90 -10.14
CA ALA A 208 1.16 -11.53 -10.40
C ALA A 208 2.62 -11.31 -10.02
N GLU A 209 3.05 -11.90 -8.90
CA GLU A 209 4.46 -11.81 -8.53
C GLU A 209 5.34 -12.51 -9.56
N ASP A 210 4.88 -13.64 -10.07
CA ASP A 210 5.62 -14.33 -11.13
C ASP A 210 5.76 -13.45 -12.37
N ARG A 211 4.66 -12.82 -12.78
CA ARG A 211 4.73 -11.93 -13.94
C ARG A 211 5.55 -10.68 -13.67
N SER A 212 5.71 -10.30 -12.40
CA SER A 212 6.55 -9.16 -12.06
C SER A 212 8.03 -9.47 -12.19
N VAL A 213 8.42 -10.72 -11.91
CA VAL A 213 9.82 -11.12 -11.99
C VAL A 213 10.21 -11.58 -13.40
N ASP A 214 9.23 -11.98 -14.22
CA ASP A 214 9.53 -12.57 -15.53
C ASP A 214 10.34 -11.69 -16.46
N PRO A 215 10.01 -10.41 -16.70
CA PRO A 215 10.77 -9.62 -17.66
C PRO A 215 12.05 -9.02 -17.12
N ILE A 216 12.46 -9.39 -15.92
CA ILE A 216 13.61 -8.79 -15.23
C ILE A 216 14.79 -9.74 -15.32
N PRO A 217 15.96 -9.28 -15.77
CA PRO A 217 17.11 -10.17 -15.85
C PRO A 217 17.76 -10.38 -14.49
N VAL A 218 18.42 -11.53 -14.35
CA VAL A 218 19.10 -11.88 -13.12
C VAL A 218 20.60 -12.02 -13.41
N TRP A 219 21.42 -11.46 -12.53
CA TRP A 219 22.87 -11.56 -12.65
C TRP A 219 23.52 -11.51 -11.27
N ARG A 232 -3.77 -22.72 -15.27
CA ARG A 232 -4.72 -23.76 -14.85
C ARG A 232 -5.52 -23.27 -13.65
N LYS A 233 -4.93 -23.41 -12.45
CA LYS A 233 -5.54 -22.92 -11.23
C LYS A 233 -5.70 -21.40 -11.22
N VAL A 234 -5.02 -20.70 -12.12
CA VAL A 234 -5.17 -19.25 -12.22
C VAL A 234 -6.53 -18.89 -12.81
N ALA A 235 -6.87 -19.48 -13.96
CA ALA A 235 -8.15 -19.19 -14.60
C ALA A 235 -9.33 -19.48 -13.68
N THR A 236 -9.20 -20.53 -12.85
CA THR A 236 -10.27 -20.83 -11.91
C THR A 236 -10.37 -19.75 -10.83
N SER A 237 -9.23 -19.34 -10.28
CA SER A 237 -9.23 -18.32 -9.24
C SER A 237 -9.81 -17.01 -9.76
N LEU A 238 -9.49 -16.67 -11.02
CA LEU A 238 -10.07 -15.45 -11.62
C LEU A 238 -11.57 -15.57 -11.75
N LYS A 239 -12.06 -16.73 -12.18
CA LYS A 239 -13.49 -16.92 -12.36
C LYS A 239 -14.24 -16.85 -11.03
N LEU A 240 -13.66 -17.40 -9.96
CA LEU A 240 -14.31 -17.33 -8.66
C LEU A 240 -14.37 -15.90 -8.14
N ILE A 241 -13.29 -15.15 -8.31
CA ILE A 241 -13.27 -13.76 -7.86
C ILE A 241 -14.24 -12.92 -8.67
N ASN A 242 -14.27 -13.12 -10.00
CA ASN A 242 -15.15 -12.32 -10.84
C ASN A 242 -16.61 -12.64 -10.57
N ASP A 243 -16.95 -13.93 -10.42
CA ASP A 243 -18.33 -14.30 -10.10
C ASP A 243 -18.73 -13.75 -8.74
N THR A 244 -17.82 -13.82 -7.76
CA THR A 244 -18.10 -13.23 -6.44
C THR A 244 -18.33 -11.73 -6.55
N LEU A 245 -17.54 -11.05 -7.37
CA LEU A 245 -17.77 -9.62 -7.59
C LEU A 245 -19.13 -9.37 -8.23
N ASP A 246 -19.51 -10.21 -9.21
CA ASP A 246 -20.82 -10.09 -9.84
C ASP A 246 -21.94 -10.13 -8.81
N ASP A 247 -21.86 -11.06 -7.85
CA ASP A 247 -22.90 -11.15 -6.83
C ASP A 247 -22.95 -9.89 -5.97
N LEU A 248 -21.78 -9.37 -5.60
CA LEU A 248 -21.74 -8.13 -4.84
C LEU A 248 -22.28 -6.96 -5.64
N ILE A 249 -21.92 -6.88 -6.92
CA ILE A 249 -22.48 -5.85 -7.80
C ILE A 249 -23.98 -5.99 -7.87
N ALA A 250 -24.47 -7.23 -8.03
CA ALA A 250 -25.91 -7.46 -8.08
C ALA A 250 -26.59 -7.04 -6.78
N THR A 251 -26.09 -7.54 -5.65
CA THR A 251 -26.63 -7.17 -4.35
C THR A 251 -26.65 -5.67 -4.15
N CYS A 252 -25.55 -4.99 -4.51
CA CYS A 252 -25.47 -3.56 -4.31
C CYS A 252 -26.42 -2.80 -5.23
N LYS A 253 -26.75 -3.37 -6.38
CA LYS A 253 -27.68 -2.69 -7.28
C LYS A 253 -29.08 -2.65 -6.70
N ARG A 254 -29.55 -3.77 -6.13
CA ARG A 254 -30.85 -3.76 -5.44
C ARG A 254 -30.89 -2.72 -4.35
N MET A 255 -29.82 -2.63 -3.55
CA MET A 255 -29.79 -1.67 -2.45
C MET A 255 -29.88 -0.23 -2.96
N VAL A 256 -29.21 0.06 -4.09
CA VAL A 256 -29.28 1.39 -4.66
C VAL A 256 -30.66 1.67 -5.24
N GLU A 257 -31.31 0.64 -5.81
CA GLU A 257 -32.63 0.85 -6.40
C GLU A 257 -33.69 1.14 -5.34
N GLU A 258 -33.48 0.68 -4.11
CA GLU A 258 -34.47 0.80 -3.05
C GLU A 258 -34.25 1.98 -2.12
N GLU A 259 -33.07 2.58 -2.12
CA GLU A 259 -32.79 3.65 -1.17
C GLU A 259 -33.44 4.96 -1.62
N GLU A 260 -33.47 5.93 -0.70
CA GLU A 260 -34.07 7.23 -0.96
C GLU A 260 -33.03 8.36 -0.92
N LEU A 261 -31.75 8.02 -1.02
CA LEU A 261 -30.69 9.00 -0.77
C LEU A 261 -30.42 9.84 -2.01
N GLN A 262 -30.26 11.14 -1.80
CA GLN A 262 -29.85 12.05 -2.86
C GLN A 262 -28.33 12.00 -3.02
N PHE A 263 -27.87 12.01 -4.27
CA PHE A 263 -26.45 11.94 -4.57
C PHE A 263 -25.84 13.33 -4.58
N HIS A 264 -24.71 13.49 -3.90
CA HIS A 264 -23.96 14.75 -3.90
C HIS A 264 -22.48 14.43 -3.79
N GLU A 265 -21.65 15.49 -3.70
CA GLU A 265 -20.21 15.32 -3.69
C GLU A 265 -19.72 14.54 -2.47
N GLU A 266 -20.49 14.50 -1.40
CA GLU A 266 -20.16 13.73 -0.21
C GLU A 266 -21.15 12.59 0.01
N TYR A 267 -21.59 11.98 -1.08
CA TYR A 267 -22.56 10.89 -0.99
C TYR A 267 -21.98 9.69 -0.26
N MET A 268 -22.76 9.13 0.66
CA MET A 268 -22.36 7.90 1.34
C MET A 268 -23.56 7.30 2.06
N ASN A 269 -23.95 6.10 1.66
CA ASN A 269 -24.94 5.33 2.39
C ASN A 269 -24.28 4.74 3.62
N GLU A 270 -24.78 5.09 4.81
CA GLU A 270 -24.13 4.67 6.05
C GLU A 270 -24.16 3.17 6.28
N ARG A 271 -25.03 2.43 5.57
CA ARG A 271 -25.11 0.99 5.73
C ARG A 271 -24.18 0.22 4.80
N ASP A 272 -23.91 0.76 3.61
CA ASP A 272 -22.94 0.18 2.66
C ASP A 272 -22.07 1.31 2.15
N PRO A 273 -21.04 1.69 2.90
CA PRO A 273 -20.23 2.84 2.48
C PRO A 273 -19.11 2.47 1.51
N SER A 274 -19.20 1.29 0.92
CA SER A 274 -18.15 0.82 0.02
C SER A 274 -18.03 1.73 -1.21
N ILE A 275 -16.85 1.68 -1.84
CA ILE A 275 -16.61 2.43 -3.07
C ILE A 275 -17.54 1.94 -4.17
N LEU A 276 -17.77 0.62 -4.22
CA LEU A 276 -18.74 0.04 -5.15
C LEU A 276 -20.11 0.70 -5.02
N HIS A 277 -20.53 1.00 -3.79
CA HIS A 277 -21.85 1.60 -3.60
C HIS A 277 -21.86 3.05 -4.07
N PHE A 278 -20.80 3.80 -3.78
CA PHE A 278 -20.70 5.17 -4.27
C PHE A 278 -20.75 5.21 -5.79
N LEU A 279 -19.97 4.35 -6.44
CA LEU A 279 -19.93 4.35 -7.91
C LEU A 279 -21.30 4.02 -8.50
N LEU A 280 -22.00 3.05 -7.92
CA LEU A 280 -23.28 2.64 -8.48
C LEU A 280 -24.35 3.70 -8.23
N ALA A 281 -24.33 4.35 -7.07
CA ALA A 281 -25.28 5.43 -6.79
C ALA A 281 -24.98 6.69 -7.60
N SER A 282 -23.76 6.84 -8.11
CA SER A 282 -23.45 7.95 -9.00
C SER A 282 -24.04 7.74 -10.38
N GLY A 283 -24.16 6.49 -10.82
CA GLY A 283 -24.77 6.18 -12.10
C GLY A 283 -23.87 6.43 -13.30
N ASP A 284 -22.58 6.10 -13.20
CA ASP A 284 -21.70 6.25 -14.35
C ASP A 284 -22.10 5.31 -15.48
N ASP A 285 -22.63 4.13 -15.14
CA ASP A 285 -23.17 3.16 -16.10
C ASP A 285 -22.11 2.73 -17.11
N VAL A 286 -21.03 2.14 -16.58
CA VAL A 286 -20.02 1.51 -17.43
C VAL A 286 -20.31 0.01 -17.47
N SER A 287 -19.47 -0.74 -18.17
CA SER A 287 -19.71 -2.17 -18.32
C SER A 287 -19.42 -2.91 -17.01
N SER A 288 -19.98 -4.11 -16.89
CA SER A 288 -19.70 -4.95 -15.74
C SER A 288 -18.23 -5.38 -15.70
N LYS A 289 -17.62 -5.58 -16.86
CA LYS A 289 -16.20 -5.90 -16.89
C LYS A 289 -15.36 -4.72 -16.40
N GLN A 290 -15.64 -3.52 -16.91
CA GLN A 290 -14.90 -2.33 -16.48
C GLN A 290 -15.03 -2.12 -14.97
N LEU A 291 -16.23 -2.36 -14.42
CA LEU A 291 -16.43 -2.18 -12.98
C LEU A 291 -15.69 -3.26 -12.19
N ARG A 292 -15.78 -4.52 -12.63
CA ARG A 292 -15.05 -5.58 -11.95
C ARG A 292 -13.56 -5.30 -11.97
N ASP A 293 -13.04 -4.80 -13.08
CA ASP A 293 -11.61 -4.55 -13.19
C ASP A 293 -11.19 -3.34 -12.34
N ASP A 294 -12.03 -2.31 -12.28
CA ASP A 294 -11.75 -1.20 -11.38
C ASP A 294 -11.70 -1.66 -9.93
N LEU A 295 -12.67 -2.48 -9.52
CA LEU A 295 -12.67 -3.01 -8.15
C LEU A 295 -11.50 -3.96 -7.94
N MET A 296 -11.27 -4.86 -8.90
CA MET A 296 -10.14 -5.77 -8.80
C MET A 296 -8.83 -5.02 -8.65
N THR A 297 -8.65 -3.96 -9.45
CA THR A 297 -7.43 -3.16 -9.37
C THR A 297 -7.22 -2.58 -7.99
N MET A 298 -8.27 -1.97 -7.42
CA MET A 298 -8.16 -1.40 -6.09
C MET A 298 -7.98 -2.47 -5.02
N LEU A 299 -8.57 -3.65 -5.23
CA LEU A 299 -8.34 -4.76 -4.30
C LEU A 299 -6.88 -5.17 -4.28
N ILE A 300 -6.24 -5.27 -5.45
CA ILE A 300 -4.84 -5.64 -5.52
C ILE A 300 -3.96 -4.51 -4.96
N ALA A 301 -4.28 -3.26 -5.34
CA ALA A 301 -3.46 -2.13 -4.91
C ALA A 301 -3.50 -1.96 -3.40
N GLY A 302 -4.69 -1.95 -2.81
CA GLY A 302 -4.81 -1.63 -1.40
C GLY A 302 -4.39 -2.74 -0.47
N HIS A 303 -4.14 -3.95 -0.98
CA HIS A 303 -3.88 -5.10 -0.12
C HIS A 303 -2.39 -5.29 0.17
N GLU A 304 -1.62 -5.79 -0.80
CA GLU A 304 -0.25 -6.21 -0.51
C GLU A 304 0.68 -5.04 -0.23
N THR A 305 0.30 -3.81 -0.57
CA THR A 305 1.15 -2.67 -0.23
C THR A 305 1.17 -2.41 1.28
N SER A 306 0.00 -2.28 1.88
CA SER A 306 -0.03 -2.01 3.31
C SER A 306 0.41 -3.21 4.12
N ALA A 307 0.14 -4.43 3.62
CA ALA A 307 0.67 -5.62 4.28
C ALA A 307 2.19 -5.55 4.41
N ALA A 308 2.86 -5.05 3.36
CA ALA A 308 4.31 -4.90 3.42
C ALA A 308 4.71 -3.73 4.31
N VAL A 309 3.92 -2.65 4.30
CA VAL A 309 4.27 -1.46 5.08
C VAL A 309 4.25 -1.79 6.57
N LEU A 310 3.24 -2.53 7.01
CA LEU A 310 3.17 -2.94 8.41
C LEU A 310 4.30 -3.91 8.75
N THR A 311 4.57 -4.86 7.87
CA THR A 311 5.61 -5.84 8.11
C THR A 311 6.97 -5.17 8.33
N TRP A 312 7.38 -4.31 7.39
CA TRP A 312 8.67 -3.66 7.51
C TRP A 312 8.70 -2.63 8.64
N THR A 313 7.56 -1.99 8.92
CA THR A 313 7.49 -1.10 10.08
C THR A 313 7.89 -1.81 11.35
N PHE A 314 7.27 -2.96 11.62
CA PHE A 314 7.56 -3.65 12.87
C PHE A 314 8.95 -4.25 12.89
N TYR A 315 9.46 -4.71 11.74
CA TYR A 315 10.87 -5.08 11.68
C TYR A 315 11.75 -3.91 12.07
N LEU A 316 11.52 -2.74 11.46
CA LEU A 316 12.30 -1.56 11.78
C LEU A 316 12.18 -1.19 13.26
N LEU A 317 11.03 -1.46 13.88
CA LEU A 317 10.88 -1.13 15.30
C LEU A 317 11.74 -2.03 16.18
N THR A 318 11.99 -3.27 15.76
CA THR A 318 12.88 -4.14 16.52
C THR A 318 14.30 -3.60 16.53
N THR A 319 14.68 -2.84 15.52
CA THR A 319 16.05 -2.34 15.39
C THR A 319 16.31 -1.04 16.14
N GLU A 320 15.28 -0.37 16.66
CA GLU A 320 15.44 0.92 17.33
C GLU A 320 14.54 0.99 18.55
N PRO A 321 14.99 0.45 19.68
CA PRO A 321 14.16 0.46 20.89
C PRO A 321 13.79 1.87 21.36
N SER A 322 14.58 2.88 21.00
CA SER A 322 14.24 4.23 21.40
C SER A 322 13.03 4.76 20.64
N VAL A 323 12.85 4.32 19.39
CA VAL A 323 11.65 4.70 18.65
C VAL A 323 10.41 4.04 19.25
N VAL A 324 10.55 2.80 19.73
CA VAL A 324 9.42 2.09 20.32
C VAL A 324 8.99 2.75 21.61
N ALA A 325 9.95 3.16 22.45
CA ALA A 325 9.60 3.89 23.66
C ALA A 325 8.88 5.19 23.32
N LYS A 326 9.37 5.93 22.33
CA LYS A 326 8.72 7.17 21.93
C LYS A 326 7.34 6.90 21.34
N LEU A 327 7.21 5.80 20.59
CA LEU A 327 5.93 5.45 20.00
C LEU A 327 4.95 4.98 21.07
N GLN A 328 5.39 4.10 21.96
CA GLN A 328 4.54 3.68 23.07
C GLN A 328 4.08 4.86 23.89
N GLU A 329 4.95 5.83 24.11
CA GLU A 329 4.59 7.00 24.91
C GLU A 329 3.48 7.80 24.25
N GLU A 330 3.57 7.99 22.92
CA GLU A 330 2.52 8.72 22.22
C GLU A 330 1.20 7.96 22.26
N VAL A 331 1.25 6.67 21.92
CA VAL A 331 0.01 5.92 21.79
C VAL A 331 -0.69 5.76 23.13
N ASP A 332 0.06 5.49 24.20
CA ASP A 332 -0.53 5.42 25.53
C ASP A 332 -1.20 6.74 25.89
N SER A 333 -0.58 7.85 25.51
CA SER A 333 -1.11 9.15 25.91
C SER A 333 -2.27 9.60 25.03
N VAL A 334 -2.19 9.37 23.73
CA VAL A 334 -3.16 9.95 22.81
C VAL A 334 -4.42 9.09 22.68
N ILE A 335 -4.31 7.78 22.53
CA ILE A 335 -5.48 6.97 22.25
C ILE A 335 -5.75 5.92 23.32
N GLY A 336 -4.77 5.52 24.13
CA GLY A 336 -5.00 4.46 25.09
C GLY A 336 -5.60 3.25 24.40
N ASP A 337 -6.72 2.76 24.93
CA ASP A 337 -7.39 1.59 24.39
C ASP A 337 -8.46 1.94 23.35
N ARG A 338 -8.49 3.20 22.91
CA ARG A 338 -9.56 3.64 22.03
C ARG A 338 -9.35 3.13 20.60
N PHE A 339 -10.46 2.93 19.90
CA PHE A 339 -10.41 2.92 18.45
C PHE A 339 -10.06 4.33 18.00
N PRO A 340 -9.01 4.52 17.19
CA PRO A 340 -8.70 5.87 16.73
C PRO A 340 -9.84 6.43 15.89
N THR A 341 -9.97 7.75 15.92
CA THR A 341 -10.93 8.47 15.09
C THR A 341 -10.16 9.35 14.11
N ILE A 342 -10.92 10.04 13.26
CA ILE A 342 -10.31 10.96 12.31
C ILE A 342 -9.53 12.04 13.05
N GLN A 343 -10.07 12.52 14.18
CA GLN A 343 -9.39 13.54 14.97
C GLN A 343 -8.07 13.06 15.54
N ASP A 344 -7.90 11.74 15.72
CA ASP A 344 -6.64 11.20 16.22
C ASP A 344 -5.56 11.16 15.15
N MET A 345 -5.93 11.22 13.87
CA MET A 345 -4.92 11.12 12.82
C MET A 345 -3.94 12.29 12.87
N LYS A 346 -4.42 13.48 13.22
CA LYS A 346 -3.50 14.60 13.40
C LYS A 346 -2.75 14.50 14.72
N LYS A 347 -3.33 13.87 15.73
CA LYS A 347 -2.69 13.82 17.03
C LYS A 347 -1.61 12.75 17.14
N LEU A 348 -1.64 11.73 16.28
CA LEU A 348 -0.64 10.66 16.28
C LEU A 348 0.52 11.03 15.35
N LYS A 349 1.24 12.08 15.76
CA LYS A 349 2.33 12.61 14.94
C LYS A 349 3.47 11.62 14.81
N TYR A 350 3.97 11.12 15.95
CA TYR A 350 5.12 10.21 15.90
C TYR A 350 4.76 8.91 15.21
N THR A 351 3.51 8.46 15.36
CA THR A 351 3.08 7.26 14.65
C THR A 351 3.10 7.49 13.15
N THR A 352 2.67 8.68 12.72
CA THR A 352 2.73 9.02 11.30
C THR A 352 4.17 9.00 10.79
N ARG A 353 5.07 9.64 11.55
CA ARG A 353 6.48 9.68 11.14
C ARG A 353 7.06 8.28 11.03
N VAL A 354 6.69 7.38 11.94
CA VAL A 354 7.17 6.01 11.87
C VAL A 354 6.69 5.36 10.58
N MET A 355 5.44 5.61 10.19
CA MET A 355 4.95 5.10 8.91
C MET A 355 5.67 5.77 7.74
N ASN A 356 5.82 7.09 7.81
CA ASN A 356 6.55 7.81 6.77
C ASN A 356 7.93 7.20 6.56
N GLU A 357 8.68 7.02 7.65
CA GLU A 357 10.05 6.51 7.55
C GLU A 357 10.08 5.06 7.10
N SER A 358 9.07 4.26 7.45
CA SER A 358 9.01 2.89 6.95
C SER A 358 8.81 2.86 5.44
N LEU A 359 7.95 3.75 4.92
CA LEU A 359 7.75 3.79 3.47
C LEU A 359 8.97 4.36 2.75
N ARG A 360 9.79 5.17 3.43
CA ARG A 360 11.03 5.62 2.81
C ARG A 360 12.04 4.47 2.74
N LEU A 361 12.22 3.75 3.85
CA LEU A 361 13.20 2.67 3.86
C LEU A 361 12.75 1.49 3.00
N TYR A 362 11.45 1.23 2.89
CA TYR A 362 10.93 0.09 2.14
C TYR A 362 9.73 0.51 1.31
N PRO A 363 9.98 1.13 0.15
CA PRO A 363 8.87 1.58 -0.68
C PRO A 363 8.11 0.42 -1.31
N GLN A 364 6.84 0.67 -1.60
CA GLN A 364 5.95 -0.34 -2.18
C GLN A 364 5.23 0.30 -3.37
N PRO A 365 5.68 0.05 -4.60
CA PRO A 365 6.81 -0.78 -5.02
C PRO A 365 8.15 -0.03 -4.96
N PRO A 366 9.26 -0.76 -4.89
CA PRO A 366 10.57 -0.10 -4.91
C PRO A 366 10.88 0.57 -6.23
N VAL A 367 10.11 0.33 -7.27
CA VAL A 367 10.39 0.80 -8.62
C VAL A 367 9.09 1.20 -9.30
N LEU A 368 9.09 2.34 -9.98
CA LEU A 368 7.98 2.75 -10.84
C LEU A 368 8.38 2.56 -12.30
N ILE A 369 7.41 2.20 -13.13
CA ILE A 369 7.67 1.72 -14.47
C ILE A 369 6.97 2.62 -15.48
N ARG A 370 7.72 3.08 -16.48
CA ARG A 370 7.17 3.88 -17.56
C ARG A 370 7.80 3.45 -18.87
N ARG A 371 7.16 3.86 -19.96
CA ARG A 371 7.74 3.72 -21.31
C ARG A 371 7.48 5.02 -22.06
N SER A 372 8.52 5.56 -22.68
CA SER A 372 8.37 6.79 -23.44
C SER A 372 7.58 6.52 -24.72
N ILE A 373 6.60 7.38 -25.00
CA ILE A 373 5.86 7.32 -26.25
C ILE A 373 6.19 8.50 -27.16
N ASP A 374 7.17 9.31 -26.79
CA ASP A 374 7.59 10.44 -27.61
C ASP A 374 9.04 10.76 -27.31
N ASN A 375 9.60 11.66 -28.10
CA ASN A 375 10.93 12.18 -27.81
C ASN A 375 10.92 12.96 -26.50
N ASP A 376 12.06 12.93 -25.81
CA ASP A 376 12.19 13.69 -24.56
C ASP A 376 13.67 13.84 -24.26
N ILE A 377 13.95 14.62 -23.20
CA ILE A 377 15.29 14.80 -22.66
C ILE A 377 15.25 14.40 -21.18
N LEU A 378 16.08 13.43 -20.82
CA LEU A 378 16.15 12.94 -19.45
C LEU A 378 17.49 13.38 -18.86
N GLY A 379 17.44 14.22 -17.83
CA GLY A 379 18.62 14.90 -17.35
C GLY A 379 19.11 15.86 -18.41
N GLU A 380 20.15 15.46 -19.15
CA GLU A 380 20.49 16.16 -20.38
C GLU A 380 20.76 15.18 -21.52
N TYR A 381 20.25 13.96 -21.42
CA TYR A 381 20.37 12.99 -22.50
C TYR A 381 19.08 12.93 -23.29
N PRO A 382 19.13 13.07 -24.60
CA PRO A 382 17.93 12.89 -25.41
C PRO A 382 17.59 11.42 -25.59
N ILE A 383 16.30 11.10 -25.49
CA ILE A 383 15.80 9.76 -25.74
C ILE A 383 14.73 9.82 -26.83
N LYS A 384 14.51 8.68 -27.46
CA LYS A 384 13.40 8.53 -28.39
C LYS A 384 12.27 7.78 -27.71
N ARG A 385 11.18 7.59 -28.44
CA ARG A 385 10.08 6.80 -27.92
C ARG A 385 10.48 5.33 -27.85
N GLY A 386 9.78 4.59 -26.99
CA GLY A 386 10.00 3.17 -26.86
C GLY A 386 10.99 2.76 -25.80
N GLU A 387 11.50 3.71 -25.01
CA GLU A 387 12.42 3.37 -23.94
C GLU A 387 11.64 2.85 -22.73
N ASP A 388 12.03 1.67 -22.24
CA ASP A 388 11.49 1.16 -20.98
C ASP A 388 12.26 1.78 -19.83
N ILE A 389 11.53 2.45 -18.94
CA ILE A 389 12.13 3.24 -17.88
C ILE A 389 11.72 2.65 -16.54
N PHE A 390 12.69 2.51 -15.64
CA PHE A 390 12.46 2.05 -14.28
C PHE A 390 12.95 3.14 -13.34
N ILE A 391 12.03 3.86 -12.73
CA ILE A 391 12.37 4.84 -11.70
C ILE A 391 12.58 4.10 -10.39
N SER A 392 13.80 4.12 -9.89
CA SER A 392 14.13 3.43 -8.64
C SER A 392 13.72 4.30 -7.47
N VAL A 393 12.53 4.05 -6.94
CA VAL A 393 12.09 4.72 -5.71
C VAL A 393 13.03 4.34 -4.57
N TRP A 394 13.50 3.10 -4.55
CA TRP A 394 14.50 2.67 -3.57
C TRP A 394 15.72 3.57 -3.57
N ASN A 395 16.24 3.89 -4.77
CA ASN A 395 17.44 4.73 -4.83
C ASN A 395 17.14 6.17 -4.44
N LEU A 396 15.98 6.69 -4.86
CA LEU A 396 15.61 8.03 -4.47
C LEU A 396 15.45 8.13 -2.96
N HIS A 397 14.84 7.11 -2.36
CA HIS A 397 14.56 7.14 -0.92
C HIS A 397 15.82 7.01 -0.09
N ARG A 398 16.85 6.36 -0.61
CA ARG A 398 18.06 6.08 0.15
C ARG A 398 19.28 6.83 -0.36
N SER A 399 19.11 7.73 -1.32
CA SER A 399 20.21 8.47 -1.91
C SER A 399 20.98 9.25 -0.86
N PRO A 400 22.26 8.95 -0.63
CA PRO A 400 23.03 9.74 0.36
C PRO A 400 23.11 11.20 0.01
N LEU A 401 22.92 11.57 -1.25
CA LEU A 401 22.87 12.98 -1.63
C LEU A 401 21.76 13.71 -0.90
N HIS A 402 20.58 13.08 -0.77
CA HIS A 402 19.37 13.78 -0.37
C HIS A 402 18.85 13.35 0.99
N TRP A 403 19.63 12.61 1.77
CA TRP A 403 19.18 12.14 3.07
C TRP A 403 20.38 12.01 4.00
N ASP A 404 20.24 12.53 5.23
CA ASP A 404 21.25 12.34 6.25
C ASP A 404 21.07 10.97 6.88
N ASP A 405 22.17 10.24 7.04
CA ASP A 405 22.15 8.90 7.66
C ASP A 405 21.07 8.03 7.02
N ALA A 406 21.13 7.95 5.68
CA ALA A 406 20.04 7.44 4.88
C ALA A 406 19.63 6.01 5.23
N GLU A 407 20.51 5.24 5.85
CA GLU A 407 20.18 3.87 6.22
C GLU A 407 19.65 3.76 7.64
N LYS A 408 19.70 4.83 8.43
CA LYS A 408 19.18 4.78 9.79
C LYS A 408 17.66 4.95 9.78
N PHE A 409 16.99 4.13 10.60
CA PHE A 409 15.57 4.27 10.88
C PHE A 409 15.40 5.45 11.82
N ASN A 410 14.99 6.60 11.28
CA ASN A 410 14.87 7.83 12.06
C ASN A 410 13.58 8.55 11.70
N PRO A 411 12.49 8.28 12.42
CA PRO A 411 11.21 8.93 12.08
C PRO A 411 11.23 10.43 12.21
N GLU A 412 12.10 11.00 13.04
CA GLU A 412 12.14 12.43 13.23
C GLU A 412 13.05 13.13 12.23
N ARG A 413 13.48 12.45 11.16
CA ARG A 413 14.24 13.14 10.13
C ARG A 413 13.41 14.22 9.46
N TRP A 414 12.10 14.09 9.49
CA TRP A 414 11.25 15.25 9.22
C TRP A 414 10.76 15.81 10.54
N PRO A 415 10.82 17.13 10.73
CA PRO A 415 10.37 17.73 12.00
C PRO A 415 9.01 17.20 12.43
N LEU A 416 8.89 16.88 13.72
CA LEU A 416 7.70 16.21 14.23
C LEU A 416 6.47 17.08 14.10
N ASP A 417 6.63 18.40 14.26
CA ASP A 417 5.51 19.33 14.15
C ASP A 417 5.45 20.04 12.80
N GLY A 418 6.39 19.75 11.90
CA GLY A 418 6.36 20.32 10.57
C GLY A 418 5.39 19.60 9.66
N PRO A 419 5.36 19.96 8.38
CA PRO A 419 4.45 19.31 7.45
C PRO A 419 4.78 17.84 7.27
N ASN A 420 3.75 17.05 7.02
CA ASN A 420 3.99 15.66 6.66
C ASN A 420 4.70 15.60 5.31
N PRO A 421 5.68 14.72 5.16
CA PRO A 421 6.44 14.67 3.91
C PRO A 421 5.60 14.10 2.78
N ASN A 422 5.78 14.67 1.59
CA ASN A 422 5.16 14.15 0.38
C ASN A 422 6.13 14.42 -0.78
N GLU A 423 5.72 14.02 -1.98
CA GLU A 423 6.60 14.18 -3.13
C GLU A 423 6.87 15.63 -3.48
N THR A 424 6.01 16.56 -3.04
CA THR A 424 6.18 17.96 -3.40
C THR A 424 7.17 18.66 -2.46
N ASN A 425 6.95 18.56 -1.14
CA ASN A 425 7.87 19.21 -0.22
C ASN A 425 9.19 18.45 -0.07
N GLN A 426 9.28 17.23 -0.59
CA GLN A 426 10.55 16.52 -0.68
C GLN A 426 11.13 16.57 -2.09
N ASN A 427 10.52 17.34 -2.99
CA ASN A 427 11.02 17.54 -4.36
C ASN A 427 11.36 16.21 -5.04
N PHE A 428 10.46 15.23 -4.88
CA PHE A 428 10.50 13.95 -5.57
C PHE A 428 11.69 13.07 -5.18
N SER A 429 12.36 13.38 -4.07
CA SER A 429 13.23 12.37 -3.45
C SER A 429 12.44 11.39 -2.60
N TYR A 430 11.13 11.59 -2.46
CA TYR A 430 10.28 10.77 -1.60
C TYR A 430 8.96 10.57 -2.32
N LEU A 431 8.68 9.34 -2.75
CA LEU A 431 7.48 9.05 -3.55
C LEU A 431 6.75 7.82 -3.01
N PRO A 432 6.33 7.83 -1.74
CA PRO A 432 5.62 6.64 -1.25
C PRO A 432 4.39 6.32 -2.05
N PHE A 433 3.73 7.32 -2.63
CA PHE A 433 2.50 7.12 -3.38
C PHE A 433 2.61 7.61 -4.82
N GLY A 434 3.83 7.83 -5.29
CA GLY A 434 4.02 8.31 -6.64
C GLY A 434 3.92 9.82 -6.72
N GLY A 435 3.68 10.30 -7.93
CA GLY A 435 3.58 11.72 -8.17
C GLY A 435 2.92 11.97 -9.50
N GLY A 436 2.58 13.23 -9.74
CA GLY A 436 1.95 13.63 -10.98
C GLY A 436 0.56 13.06 -11.13
N PRO A 437 0.06 13.04 -12.36
CA PRO A 437 -1.35 12.67 -12.59
C PRO A 437 -1.67 11.22 -12.22
N ARG A 438 -0.69 10.33 -12.24
CA ARG A 438 -0.92 8.93 -11.95
C ARG A 438 -0.72 8.60 -10.47
N LYS A 439 -0.65 9.61 -9.62
CA LYS A 439 -0.42 9.42 -8.20
C LYS A 439 -1.51 8.54 -7.59
N CYS A 440 -1.14 7.81 -6.55
CA CYS A 440 -2.08 6.96 -5.83
C CYS A 440 -3.30 7.75 -5.37
N ILE A 441 -4.49 7.20 -5.64
CA ILE A 441 -5.72 7.78 -5.14
C ILE A 441 -6.08 7.31 -3.74
N GLY A 442 -5.36 6.30 -3.22
CA GLY A 442 -5.66 5.79 -1.91
C GLY A 442 -4.66 6.23 -0.86
N ASP A 443 -3.96 7.33 -1.11
CA ASP A 443 -2.85 7.72 -0.24
C ASP A 443 -3.33 8.09 1.16
N MET A 444 -4.45 8.81 1.28
CA MET A 444 -4.98 9.12 2.61
C MET A 444 -5.60 7.89 3.24
N PHE A 445 -6.37 7.13 2.48
CA PHE A 445 -6.91 5.85 2.93
C PHE A 445 -5.83 5.02 3.62
N ALA A 446 -4.75 4.74 2.88
CA ALA A 446 -3.71 3.82 3.37
C ALA A 446 -2.86 4.46 4.46
N SER A 447 -2.59 5.76 4.34
CA SER A 447 -1.86 6.46 5.40
C SER A 447 -2.56 6.33 6.76
N PHE A 448 -3.88 6.47 6.77
CA PHE A 448 -4.60 6.33 8.04
C PHE A 448 -4.73 4.87 8.44
N GLU A 449 -4.97 3.98 7.47
CA GLU A 449 -5.06 2.56 7.76
C GLU A 449 -3.83 2.06 8.52
N ASN A 450 -2.65 2.50 8.09
CA ASN A 450 -1.42 2.02 8.70
C ASN A 450 -1.17 2.68 10.06
N VAL A 451 -1.50 3.97 10.18
CA VAL A 451 -1.39 4.63 11.48
C VAL A 451 -2.29 3.93 12.51
N VAL A 452 -3.50 3.57 12.12
CA VAL A 452 -4.42 2.89 13.04
C VAL A 452 -3.86 1.54 13.48
N ALA A 453 -3.34 0.77 12.53
CA ALA A 453 -2.81 -0.56 12.85
C ALA A 453 -1.59 -0.46 13.77
N ILE A 454 -0.65 0.42 13.43
CA ILE A 454 0.54 0.58 14.27
C ILE A 454 0.14 0.96 15.69
N ALA A 455 -0.66 2.02 15.83
CA ALA A 455 -1.01 2.55 17.15
C ALA A 455 -1.70 1.48 18.00
N MET A 456 -2.69 0.79 17.42
CA MET A 456 -3.44 -0.19 18.21
C MET A 456 -2.56 -1.36 18.63
N LEU A 457 -1.67 -1.81 17.75
CA LEU A 457 -0.80 -2.93 18.09
C LEU A 457 0.23 -2.53 19.13
N ILE A 458 0.87 -1.37 18.94
CA ILE A 458 1.92 -0.94 19.87
C ILE A 458 1.34 -0.64 21.25
N ARG A 459 0.10 -0.13 21.30
CA ARG A 459 -0.55 0.11 22.58
C ARG A 459 -0.60 -1.16 23.41
N ARG A 460 -0.89 -2.30 22.79
CA ARG A 460 -1.21 -3.51 23.52
C ARG A 460 -0.05 -4.46 23.71
N PHE A 461 1.00 -4.38 22.89
CA PHE A 461 2.00 -5.44 22.90
C PHE A 461 3.41 -4.88 22.79
N ASN A 462 4.36 -5.68 23.28
CA ASN A 462 5.77 -5.50 22.97
C ASN A 462 6.18 -6.60 22.01
N PHE A 463 6.93 -6.22 20.97
CA PHE A 463 7.38 -7.15 19.94
C PHE A 463 8.89 -7.22 19.97
N GLN A 464 9.43 -8.43 19.89
CA GLN A 464 10.87 -8.65 19.70
C GLN A 464 11.07 -9.73 18.64
N ILE A 465 12.21 -9.67 17.96
CA ILE A 465 12.58 -10.76 17.07
C ILE A 465 12.59 -12.06 17.86
N ALA A 466 11.91 -13.07 17.32
CA ALA A 466 11.77 -14.34 18.04
C ALA A 466 13.11 -15.09 18.06
N PRO A 467 13.41 -15.80 19.15
CA PRO A 467 14.69 -16.53 19.22
C PRO A 467 14.75 -17.60 18.14
N GLY A 468 15.90 -17.66 17.47
CA GLY A 468 16.06 -18.63 16.39
C GLY A 468 15.13 -18.42 15.23
N ALA A 469 14.60 -17.20 15.06
CA ALA A 469 13.74 -16.92 13.92
C ALA A 469 14.57 -16.95 12.64
N PRO A 470 13.96 -17.35 11.53
CA PRO A 470 14.66 -17.27 10.24
C PRO A 470 15.12 -15.84 9.98
N PRO A 471 16.17 -15.67 9.18
CA PRO A 471 16.64 -14.32 8.86
C PRO A 471 15.57 -13.54 8.11
N VAL A 472 15.65 -12.22 8.21
CA VAL A 472 14.75 -11.32 7.49
C VAL A 472 15.48 -10.81 6.26
N LYS A 473 15.08 -11.32 5.11
CA LYS A 473 15.63 -10.91 3.82
C LYS A 473 14.48 -10.53 2.91
N MET A 474 14.80 -9.75 1.88
CA MET A 474 13.80 -9.26 0.94
C MET A 474 13.65 -10.19 -0.26
N THR A 475 12.41 -10.44 -0.66
CA THR A 475 12.09 -11.15 -1.89
C THR A 475 11.06 -10.30 -2.63
N THR A 476 11.52 -9.52 -3.59
CA THR A 476 10.67 -8.52 -4.19
C THR A 476 10.08 -9.02 -5.50
N GLY A 477 8.76 -8.95 -5.60
CA GLY A 477 8.06 -8.99 -6.86
C GLY A 477 7.47 -7.61 -7.09
N ALA A 478 6.16 -7.48 -6.95
CA ALA A 478 5.56 -6.14 -7.00
C ALA A 478 5.73 -5.41 -5.68
N THR A 479 5.80 -6.12 -4.56
CA THR A 479 6.08 -5.54 -3.27
C THR A 479 7.25 -6.28 -2.65
N ILE A 480 7.88 -5.64 -1.67
CA ILE A 480 8.99 -6.26 -0.95
C ILE A 480 8.39 -7.17 0.12
N HIS A 481 8.31 -8.46 -0.17
CA HIS A 481 8.00 -9.47 0.82
C HIS A 481 9.30 -9.90 1.51
N THR A 482 9.14 -10.61 2.62
CA THR A 482 10.30 -11.21 3.27
C THR A 482 10.51 -12.63 2.73
N THR A 483 11.74 -13.14 2.89
CA THR A 483 12.05 -14.48 2.42
C THR A 483 11.27 -15.53 3.20
N GLU A 484 11.24 -15.41 4.53
CA GLU A 484 10.68 -16.47 5.36
C GLU A 484 9.78 -15.95 6.49
N GLY A 485 9.30 -14.73 6.39
CA GLY A 485 8.42 -14.18 7.41
C GLY A 485 9.18 -13.30 8.38
N LEU A 486 8.40 -12.75 9.33
CA LEU A 486 8.89 -11.91 10.42
C LEU A 486 8.38 -12.56 11.70
N LYS A 487 9.18 -13.45 12.27
CA LYS A 487 8.80 -14.22 13.44
C LYS A 487 9.13 -13.41 14.68
N LEU A 488 8.11 -13.15 15.51
CA LEU A 488 8.27 -12.29 16.67
C LEU A 488 7.67 -12.94 17.91
N THR A 489 8.25 -12.63 19.06
CA THR A 489 7.59 -12.88 20.34
C THR A 489 6.74 -11.66 20.67
N VAL A 490 5.54 -11.90 21.17
CA VAL A 490 4.59 -10.84 21.47
C VAL A 490 4.19 -10.94 22.94
N THR A 491 4.26 -9.81 23.62
CA THR A 491 4.11 -9.72 25.08
C THR A 491 3.15 -8.58 25.41
N LYS A 492 2.22 -8.84 26.32
CA LYS A 492 1.19 -7.87 26.66
C LYS A 492 1.75 -6.69 27.45
N ARG A 493 1.30 -5.48 27.11
CA ARG A 493 1.63 -4.27 27.85
C ARG A 493 0.55 -3.84 28.82
N THR A 494 -0.67 -4.34 28.68
CA THR A 494 -1.77 -3.98 29.56
C THR A 494 -2.38 -5.25 30.14
N LYS A 495 -2.89 -5.14 31.40
CA LYS A 495 -3.41 -6.35 32.03
C LYS A 495 -4.88 -6.55 31.68
N PRO A 496 -5.32 -7.81 31.61
CA PRO A 496 -6.73 -8.07 31.21
C PRO A 496 -7.74 -7.48 32.18
N LEU A 497 -7.44 -7.47 33.47
CA LEU A 497 -8.36 -6.96 34.48
C LEU A 497 -8.28 -5.44 34.64
N ASP A 498 -7.50 -4.76 33.79
CA ASP A 498 -7.48 -3.31 33.77
C ASP A 498 -8.71 -2.76 33.08
N ILE A 499 -9.28 -1.71 33.66
CA ILE A 499 -10.44 -1.03 33.05
C ILE A 499 -9.99 -0.34 31.77
N PRO A 500 -10.76 -0.42 30.69
CA PRO A 500 -10.39 0.27 29.45
C PRO A 500 -10.08 1.75 29.69
N SER A 501 -8.95 2.19 29.14
CA SER A 501 -8.47 3.56 29.35
CA SER A 501 -8.45 3.55 29.34
C SER A 501 -8.80 4.40 28.12
N VAL A 502 -9.63 5.41 28.33
CA VAL A 502 -10.09 6.30 27.27
C VAL A 502 -9.54 7.70 27.52
N PRO A 503 -8.50 8.13 26.80
CA PRO A 503 -7.92 9.46 27.04
C PRO A 503 -8.51 10.53 26.14
N ILE A 504 -8.46 11.76 26.64
CA ILE A 504 -8.99 12.91 25.91
C ILE A 504 -8.03 14.11 25.95
CHA HEM B . -1.42 4.02 -7.76
CHB HEM B . 1.33 3.08 -3.87
CHC HEM B . -2.60 1.80 -1.33
CHD HEM B . -5.32 2.46 -5.29
C1A HEM B . -0.32 3.93 -6.92
C2A HEM B . 1.05 4.34 -7.21
C3A HEM B . 1.79 4.08 -6.14
C4A HEM B . 0.93 3.49 -5.13
CMA HEM B . 3.31 4.34 -5.97
CAA HEM B . 1.55 4.98 -8.53
CBA HEM B . 1.97 3.88 -9.51
CGA HEM B . 2.50 4.47 -10.80
O1A HEM B . 2.70 5.71 -10.88
O2A HEM B . 2.71 3.69 -11.74
C1B HEM B . 0.51 2.67 -2.83
C2B HEM B . 0.93 2.36 -1.47
C3B HEM B . -0.16 1.99 -0.78
C4B HEM B . -1.30 2.08 -1.67
CMB HEM B . 2.40 2.43 -0.98
CAB HEM B . -0.30 1.57 0.71
CBB HEM B . 0.65 1.72 1.64
C1C HEM B . -3.69 1.95 -2.15
C2C HEM B . -5.08 1.87 -1.74
C3C HEM B . -5.85 2.06 -2.82
C4C HEM B . -4.97 2.25 -3.98
CMC HEM B . -5.58 1.63 -0.31
CAC HEM B . -7.40 2.04 -2.74
CBC HEM B . -8.17 2.51 -3.74
C1D HEM B . -4.50 2.91 -6.32
C2D HEM B . -4.90 3.17 -7.68
C3D HEM B . -3.83 3.61 -8.37
C4D HEM B . -2.71 3.63 -7.45
CMD HEM B . -6.33 2.99 -8.25
CAD HEM B . -3.79 4.02 -9.86
CBD HEM B . -4.07 5.51 -9.98
CGD HEM B . -3.94 5.97 -11.42
O1D HEM B . -4.66 6.93 -11.81
O2D HEM B . -3.14 5.37 -12.18
NA HEM B . -0.34 3.41 -5.64
NB HEM B . -0.85 2.48 -2.91
NC HEM B . -3.67 2.18 -3.52
ND HEM B . -3.16 3.21 -6.21
FE HEM B . -2.07 3.08 -4.53
C1 RET C . 0.93 -2.34 -6.83
C2 RET C . -0.02 -1.32 -6.20
C3 RET C . 0.59 0.07 -6.02
C4 RET C . 1.17 0.63 -7.30
C5 RET C . 1.59 -0.40 -8.31
C6 RET C . 1.68 -1.71 -8.01
C7 RET C . 2.43 -2.66 -8.82
C8 RET C . 3.74 -2.62 -8.97
C9 RET C . 4.59 -3.52 -9.73
C10 RET C . 5.91 -3.48 -9.50
C11 RET C . 6.95 -4.26 -10.10
C12 RET C . 8.22 -3.96 -9.87
C13 RET C . 9.41 -4.63 -10.35
C14 RET C . 10.48 -4.70 -9.51
C15 RET C . 11.76 -5.30 -9.77
O1 RET C . 12.66 -5.32 -8.95
C16 RET C . 1.93 -2.82 -5.77
C17 RET C . 0.12 -3.55 -7.30
C18 RET C . 2.09 0.20 -9.60
C19 RET C . 3.93 -4.45 -10.71
C20 RET C . 9.40 -5.20 -11.73
#